data_4K6V
#
_entry.id   4K6V
#
_cell.length_a   61.320
_cell.length_b   69.680
_cell.length_c   74.780
_cell.angle_alpha   90.00
_cell.angle_beta   94.43
_cell.angle_gamma   90.00
#
_symmetry.space_group_name_H-M   'P 1 21 1'
#
loop_
_entity.id
_entity.type
_entity.pdbx_description
1 polymer 'Fiber protein'
2 non-polymer 'ZINC ION'
3 non-polymer '3,5-dideoxy-5-(propanoylamino)-D-glycero-alpha-D-galacto-non-2-ulopyranosonic acid'
4 non-polymer "3,3',3''-[nitrilotris(methanediyl-1H-1,2,3-triazole-4,1-diyl)]tripropan-1-ol"
5 non-polymer 'ACETATE ION'
6 non-polymer 'CHLORIDE ION'
7 non-polymer 'SODIUM ION'
8 water water
#
_entity_poly.entity_id   1
_entity_poly.type   'polypeptide(L)'
_entity_poly.pdbx_seq_one_letter_code
;GAMGSWNPKYDTRTLWTTPDTSPNCTIAQDKDSKLTLVLTKCGSQILANVSLIVVAGKYHIINNKTNPKIKSFTIKLLFN
KNGVLLDNSNLGKAYWNFRSGNSNVSTAYEKAIGFMPNLVAYPKPSNSKKYARDIVYGTIYLGGKPDQPAVIKTTFNQET
GCEYSITFNFSWSKTYENVEFETTSFTFSYIAQE
;
_entity_poly.pdbx_strand_id   A,B,C
#
# COMPACT_ATOMS: atom_id res chain seq x y z
N ASP A 11 -20.92 -1.28 5.52
CA ASP A 11 -20.68 -1.18 4.04
C ASP A 11 -19.25 -1.56 3.68
N THR A 12 -19.09 -2.77 3.15
CA THR A 12 -17.80 -3.25 2.66
C THR A 12 -17.90 -3.49 1.14
N ARG A 13 -18.73 -2.71 0.47
CA ARG A 13 -18.98 -2.92 -0.94
C ARG A 13 -17.79 -2.46 -1.78
N THR A 14 -17.84 -2.89 -3.04
CA THR A 14 -16.84 -2.58 -4.03
C THR A 14 -17.50 -1.85 -5.20
N LEU A 15 -16.95 -0.67 -5.52
CA LEU A 15 -17.24 0.06 -6.74
C LEU A 15 -16.09 -0.22 -7.67
N TRP A 16 -16.38 -0.59 -8.91
CA TRP A 16 -15.33 -0.91 -9.85
C TRP A 16 -15.71 -0.72 -11.32
N THR A 17 -14.70 -0.94 -12.15
CA THR A 17 -14.80 -0.84 -13.62
C THR A 17 -15.14 -2.17 -14.28
N THR A 18 -15.36 -3.20 -13.47
CA THR A 18 -15.27 -4.61 -13.87
C THR A 18 -13.80 -4.96 -14.17
N PRO A 19 -13.44 -6.25 -14.07
CA PRO A 19 -12.07 -6.70 -14.28
C PRO A 19 -11.77 -7.19 -15.69
N ASP A 20 -12.66 -6.91 -16.64
CA ASP A 20 -12.40 -7.31 -18.03
C ASP A 20 -11.40 -6.37 -18.68
N THR A 21 -11.08 -6.62 -19.95
CA THR A 21 -10.11 -5.80 -20.66
C THR A 21 -10.74 -4.97 -21.79
N SER A 22 -12.05 -4.75 -21.73
CA SER A 22 -12.80 -3.97 -22.73
CA SER A 22 -12.76 -3.98 -22.74
C SER A 22 -12.60 -2.47 -22.50
N PRO A 23 -12.11 -1.73 -23.50
CA PRO A 23 -11.84 -0.31 -23.29
C PRO A 23 -13.03 0.45 -22.73
N ASN A 24 -12.75 1.27 -21.72
CA ASN A 24 -13.76 2.03 -21.00
C ASN A 24 -13.35 3.49 -20.77
N CYS A 25 -12.27 3.91 -21.41
CA CYS A 25 -11.62 5.15 -21.06
C CYS A 25 -11.11 5.83 -22.33
N THR A 26 -11.15 7.17 -22.30
CA THR A 26 -10.78 8.01 -23.43
C THR A 26 -9.72 9.00 -23.00
N ILE A 27 -8.46 8.74 -23.40
CA ILE A 27 -7.35 9.63 -23.06
C ILE A 27 -7.15 10.66 -24.18
N ALA A 28 -6.85 10.15 -25.37
CA ALA A 28 -6.57 10.99 -26.56
C ALA A 28 -7.64 10.81 -27.64
N GLN A 29 -8.22 9.61 -27.71
CA GLN A 29 -9.30 9.34 -28.62
C GLN A 29 -10.27 8.35 -27.98
N ASP A 30 -11.49 8.31 -28.49
CA ASP A 30 -12.57 7.53 -27.88
C ASP A 30 -12.18 6.07 -27.62
N LYS A 31 -12.34 5.64 -26.36
CA LYS A 31 -12.13 4.25 -25.94
C LYS A 31 -10.75 3.71 -26.35
N ASP A 32 -9.73 4.53 -26.10
CA ASP A 32 -8.34 4.15 -26.38
C ASP A 32 -7.68 3.35 -25.24
N SER A 33 -8.43 3.11 -24.17
CA SER A 33 -7.81 2.49 -22.98
C SER A 33 -8.81 1.78 -22.06
N LYS A 34 -8.28 0.81 -21.28
CA LYS A 34 -8.99 0.18 -20.18
C LYS A 34 -8.32 0.60 -18.88
N LEU A 35 -9.01 1.44 -18.12
CA LEU A 35 -8.65 1.72 -16.75
C LEU A 35 -9.32 0.68 -15.87
N THR A 36 -8.51 -0.13 -15.16
CA THR A 36 -9.06 -1.07 -14.19
C THR A 36 -8.90 -0.44 -12.82
N LEU A 37 -10.04 -0.10 -12.19
CA LEU A 37 -10.04 0.57 -10.89
C LEU A 37 -11.05 -0.12 -9.99
N VAL A 38 -10.58 -0.48 -8.80
CA VAL A 38 -11.37 -1.16 -7.83
C VAL A 38 -11.27 -0.39 -6.53
N LEU A 39 -12.42 0.06 -6.01
CA LEU A 39 -12.52 0.81 -4.76
C LEU A 39 -13.33 0.00 -3.77
N THR A 40 -12.71 -0.38 -2.65
CA THR A 40 -13.37 -1.17 -1.63
C THR A 40 -13.41 -0.40 -0.32
N LYS A 41 -14.59 -0.28 0.25
CA LYS A 41 -14.75 0.49 1.48
C LYS A 41 -14.42 -0.34 2.70
N CYS A 42 -13.41 0.12 3.44
CA CYS A 42 -13.07 -0.39 4.75
CA CYS A 42 -13.15 -0.41 4.80
C CYS A 42 -13.31 0.75 5.76
N GLY A 43 -14.56 0.98 6.13
CA GLY A 43 -14.93 2.06 7.01
C GLY A 43 -14.44 3.39 6.48
N SER A 44 -13.68 4.11 7.30
CA SER A 44 -13.24 5.46 6.96
C SER A 44 -12.14 5.57 5.91
N GLN A 45 -11.66 4.44 5.38
CA GLN A 45 -10.71 4.45 4.28
C GLN A 45 -11.22 3.63 3.13
N ILE A 46 -10.91 4.11 1.93
CA ILE A 46 -11.15 3.37 0.71
C ILE A 46 -9.84 2.73 0.27
N LEU A 47 -9.85 1.41 0.08
CA LEU A 47 -8.71 0.67 -0.45
C LEU A 47 -8.85 0.63 -1.96
N ALA A 48 -7.86 1.17 -2.67
CA ALA A 48 -7.93 1.34 -4.12
C ALA A 48 -6.88 0.53 -4.82
N ASN A 49 -7.25 -0.07 -5.95
CA ASN A 49 -6.35 -0.88 -6.77
C ASN A 49 -6.53 -0.45 -8.21
N VAL A 50 -5.42 -0.13 -8.88
CA VAL A 50 -5.46 0.47 -10.21
C VAL A 50 -4.39 -0.07 -11.16
N SER A 51 -4.79 -0.21 -12.42
CA SER A 51 -3.87 -0.46 -13.52
C SER A 51 -4.43 0.14 -14.78
N LEU A 52 -3.60 0.22 -15.82
CA LEU A 52 -4.03 0.82 -17.11
C LEU A 52 -3.48 0.05 -18.30
N ILE A 53 -4.34 -0.15 -19.30
CA ILE A 53 -3.95 -0.68 -20.60
C ILE A 53 -4.38 0.36 -21.63
N VAL A 54 -3.41 0.92 -22.37
CA VAL A 54 -3.74 1.75 -23.54
C VAL A 54 -3.71 0.84 -24.77
N VAL A 55 -4.76 0.88 -25.60
CA VAL A 55 -4.89 -0.01 -26.76
C VAL A 55 -4.77 0.66 -28.12
N ALA A 56 -4.86 1.99 -28.15
CA ALA A 56 -4.89 2.71 -29.39
C ALA A 56 -4.49 4.15 -29.17
N GLY A 57 -4.19 4.83 -30.27
CA GLY A 57 -3.97 6.25 -30.24
C GLY A 57 -2.59 6.68 -29.76
N LYS A 58 -2.48 7.97 -29.47
CA LYS A 58 -1.25 8.67 -29.14
C LYS A 58 -0.40 7.99 -28.06
N TYR A 59 -1.06 7.44 -27.05
CA TYR A 59 -0.34 6.92 -25.89
C TYR A 59 -0.19 5.40 -25.88
N HIS A 60 -0.52 4.76 -27.01
CA HIS A 60 -0.47 3.30 -27.08
C HIS A 60 0.96 2.80 -27.16
N ILE A 61 1.71 3.28 -28.15
CA ILE A 61 3.12 2.85 -28.34
C ILE A 61 3.99 4.10 -28.22
N ILE A 62 4.80 4.16 -27.17
CA ILE A 62 5.62 5.34 -26.88
C ILE A 62 6.99 5.25 -27.56
N ASN A 63 7.35 6.28 -28.31
CA ASN A 63 8.71 6.36 -28.86
C ASN A 63 9.23 7.77 -28.62
N ASN A 64 10.10 7.88 -27.60
CA ASN A 64 10.66 9.14 -27.17
C ASN A 64 11.95 9.52 -27.91
N LYS A 65 12.39 8.68 -28.85
CA LYS A 65 13.43 9.10 -29.77
C LYS A 65 12.81 9.95 -30.90
N THR A 66 11.69 9.49 -31.45
CA THR A 66 11.00 10.26 -32.48
C THR A 66 10.08 11.35 -31.90
N ASN A 67 9.56 11.14 -30.69
CA ASN A 67 8.64 12.06 -30.02
C ASN A 67 9.06 12.30 -28.57
N PRO A 68 10.16 13.03 -28.39
CA PRO A 68 10.70 13.17 -27.01
C PRO A 68 9.81 13.94 -26.02
N LYS A 69 8.82 14.67 -26.52
CA LYS A 69 7.99 15.47 -25.65
C LYS A 69 6.71 14.73 -25.17
N ILE A 70 6.46 13.54 -25.69
CA ILE A 70 5.33 12.72 -25.24
C ILE A 70 5.76 12.01 -23.97
N LYS A 71 5.42 12.62 -22.84
CA LYS A 71 5.98 12.22 -21.53
C LYS A 71 4.95 12.02 -20.42
N SER A 72 3.70 12.41 -20.67
CA SER A 72 2.67 12.32 -19.64
C SER A 72 1.26 12.46 -20.19
N PHE A 73 0.29 11.98 -19.41
CA PHE A 73 -1.13 12.16 -19.72
C PHE A 73 -1.96 12.01 -18.46
N THR A 74 -3.23 12.43 -18.53
CA THR A 74 -4.10 12.51 -17.35
C THR A 74 -5.45 11.85 -17.61
N ILE A 75 -5.93 11.10 -16.62
CA ILE A 75 -7.23 10.47 -16.63
C ILE A 75 -7.99 11.00 -15.42
N LYS A 76 -9.17 11.57 -15.67
CA LYS A 76 -9.95 12.21 -14.61
C LYS A 76 -11.28 11.52 -14.36
N LEU A 77 -11.59 11.32 -13.09
CA LEU A 77 -12.88 10.87 -12.65
C LEU A 77 -13.49 12.01 -11.84
N LEU A 78 -14.61 12.54 -12.34
CA LEU A 78 -15.33 13.65 -11.74
C LEU A 78 -16.66 13.13 -11.19
N PHE A 79 -17.01 13.54 -9.98
CA PHE A 79 -18.23 13.08 -9.32
C PHE A 79 -19.09 14.24 -8.83
N ASN A 80 -20.40 14.03 -8.84
CA ASN A 80 -21.32 15.02 -8.29
C ASN A 80 -21.50 14.89 -6.77
N LYS A 81 -22.42 15.66 -6.20
CA LYS A 81 -22.65 15.64 -4.75
C LYS A 81 -23.06 14.25 -4.21
N ASN A 82 -23.58 13.38 -5.07
CA ASN A 82 -23.99 12.04 -4.68
C ASN A 82 -22.98 10.94 -4.96
N GLY A 83 -21.78 11.34 -5.42
CA GLY A 83 -20.72 10.39 -5.74
C GLY A 83 -20.94 9.68 -7.07
N VAL A 84 -21.83 10.23 -7.90
CA VAL A 84 -22.12 9.68 -9.21
C VAL A 84 -21.14 10.23 -10.24
N LEU A 85 -20.63 9.34 -11.10
CA LEU A 85 -19.62 9.71 -12.08
C LEU A 85 -20.25 10.58 -13.15
N LEU A 86 -19.56 11.68 -13.48
CA LEU A 86 -20.00 12.62 -14.50
C LEU A 86 -19.50 12.19 -15.90
N ASP A 87 -20.37 12.37 -16.89
CA ASP A 87 -20.16 12.03 -18.34
C ASP A 87 -18.89 12.62 -18.98
N ASN A 88 -18.44 13.77 -18.52
CA ASN A 88 -17.21 14.38 -19.04
C ASN A 88 -15.92 13.86 -18.40
N SER A 89 -16.04 12.86 -17.54
CA SER A 89 -14.87 12.13 -17.07
C SER A 89 -14.20 11.39 -18.24
N ASN A 90 -12.91 11.08 -18.11
CA ASN A 90 -12.25 10.24 -19.13
C ASN A 90 -12.79 8.83 -19.08
N LEU A 91 -13.13 8.39 -17.87
CA LEU A 91 -13.77 7.09 -17.66
C LEU A 91 -15.25 7.15 -18.05
N GLY A 92 -15.68 6.18 -18.85
CA GLY A 92 -17.06 6.05 -19.29
C GLY A 92 -17.95 5.59 -18.14
N LYS A 93 -19.20 6.05 -18.12
CA LYS A 93 -20.14 5.71 -17.05
C LYS A 93 -20.74 4.31 -17.15
N ALA A 94 -20.70 3.70 -18.35
CA ALA A 94 -21.48 2.49 -18.58
C ALA A 94 -21.19 1.32 -17.63
N TYR A 95 -19.91 1.10 -17.33
CA TYR A 95 -19.46 -0.07 -16.53
C TYR A 95 -18.73 0.31 -15.24
N TRP A 96 -19.00 1.52 -14.76
CA TRP A 96 -18.56 1.97 -13.44
C TRP A 96 -19.74 1.85 -12.49
N ASN A 97 -19.67 0.87 -11.60
CA ASN A 97 -20.81 0.55 -10.74
C ASN A 97 -20.38 -0.40 -9.62
N PHE A 98 -21.29 -0.64 -8.68
CA PHE A 98 -21.08 -1.62 -7.64
C PHE A 98 -20.99 -3.04 -8.24
N ARG A 99 -20.09 -3.85 -7.69
CA ARG A 99 -19.82 -5.20 -8.19
C ARG A 99 -20.97 -6.20 -7.95
N SER A 100 -21.10 -7.13 -8.88
CA SER A 100 -21.90 -8.34 -8.72
C SER A 100 -21.21 -9.44 -9.53
N GLY A 101 -20.59 -10.40 -8.83
CA GLY A 101 -19.82 -11.43 -9.52
C GLY A 101 -18.64 -10.79 -10.22
N ASN A 102 -18.38 -11.15 -11.48
CA ASN A 102 -17.36 -10.47 -12.25
C ASN A 102 -17.90 -9.33 -13.12
N SER A 103 -19.13 -8.91 -12.82
CA SER A 103 -19.82 -7.84 -13.53
C SER A 103 -20.34 -6.80 -12.52
N ASN A 104 -21.42 -6.13 -12.86
CA ASN A 104 -21.99 -5.08 -12.02
C ASN A 104 -23.45 -5.35 -11.67
N VAL A 105 -23.91 -4.70 -10.61
CA VAL A 105 -25.32 -4.67 -10.28
C VAL A 105 -26.07 -4.15 -11.51
N SER A 106 -27.32 -4.57 -11.63
CA SER A 106 -28.13 -4.36 -12.85
C SER A 106 -28.77 -2.99 -12.96
N THR A 107 -28.64 -2.20 -11.90
CA THR A 107 -29.12 -0.82 -11.80
C THR A 107 -27.92 0.15 -11.58
N ALA A 108 -27.83 1.25 -12.34
CA ALA A 108 -26.82 2.29 -12.06
C ALA A 108 -26.99 2.86 -10.67
N TYR A 109 -25.89 3.04 -9.95
CA TYR A 109 -25.99 3.51 -8.58
C TYR A 109 -26.37 4.98 -8.52
N GLU A 110 -27.08 5.33 -7.45
CA GLU A 110 -27.54 6.69 -7.22
C GLU A 110 -26.74 7.40 -6.13
N LYS A 111 -26.12 6.62 -5.24
CA LYS A 111 -25.44 7.17 -4.06
C LYS A 111 -24.15 6.39 -3.79
N ALA A 112 -23.04 7.11 -3.63
CA ALA A 112 -21.78 6.49 -3.21
C ALA A 112 -20.91 7.51 -2.48
N ILE A 113 -21.53 8.31 -1.61
CA ILE A 113 -20.80 9.36 -0.90
C ILE A 113 -19.73 8.75 0.01
N GLY A 114 -20.00 7.56 0.54
CA GLY A 114 -19.04 6.85 1.37
C GLY A 114 -17.77 6.40 0.64
N PHE A 115 -17.77 6.47 -0.69
CA PHE A 115 -16.59 6.15 -1.51
C PHE A 115 -15.85 7.39 -1.96
N MET A 116 -16.36 8.57 -1.64
CA MET A 116 -15.76 9.81 -2.13
CA MET A 116 -15.76 9.82 -2.12
C MET A 116 -14.59 10.26 -1.26
N PRO A 117 -13.60 10.96 -1.86
CA PRO A 117 -12.48 11.44 -1.05
C PRO A 117 -12.93 12.56 -0.10
N ASN A 118 -12.54 12.44 1.17
CA ASN A 118 -12.93 13.38 2.23
C ASN A 118 -12.54 14.82 1.93
N LEU A 119 -13.53 15.72 1.95
CA LEU A 119 -13.33 17.13 1.59
C LEU A 119 -12.53 17.96 2.61
N VAL A 120 -12.55 17.59 3.88
CA VAL A 120 -11.68 18.27 4.86
C VAL A 120 -10.23 17.85 4.64
N ALA A 121 -10.00 16.54 4.47
CA ALA A 121 -8.65 16.04 4.18
C ALA A 121 -8.13 16.60 2.86
N TYR A 122 -9.03 16.67 1.87
CA TYR A 122 -8.67 16.97 0.50
C TYR A 122 -9.66 18.03 -0.03
N PRO A 123 -9.43 19.32 0.30
CA PRO A 123 -10.39 20.34 -0.11
C PRO A 123 -10.36 20.64 -1.60
N LYS A 124 -11.49 21.12 -2.14
CA LYS A 124 -11.51 21.60 -3.53
C LYS A 124 -10.59 22.80 -3.67
N PRO A 125 -10.18 23.12 -4.90
CA PRO A 125 -9.37 24.33 -5.12
C PRO A 125 -10.01 25.59 -4.54
N SER A 126 -9.19 26.44 -3.94
CA SER A 126 -9.67 27.68 -3.32
C SER A 126 -8.53 28.68 -3.24
N ASN A 127 -8.74 29.83 -2.58
CA ASN A 127 -7.61 30.74 -2.37
C ASN A 127 -6.79 30.35 -1.11
N SER A 128 -7.18 29.30 -0.40
CA SER A 128 -6.43 28.79 0.75
CA SER A 128 -6.42 28.81 0.75
C SER A 128 -5.22 27.99 0.27
N LYS A 129 -4.28 27.77 1.19
CA LYS A 129 -3.06 27.07 0.84
C LYS A 129 -3.38 25.66 0.35
N LYS A 130 -2.72 25.24 -0.71
CA LYS A 130 -2.91 23.93 -1.23
C LYS A 130 -1.84 23.03 -0.58
N TYR A 131 -2.30 22.06 0.20
CA TYR A 131 -1.38 21.09 0.84
C TYR A 131 -1.20 19.84 0.01
N ALA A 132 -0.05 19.21 0.15
CA ALA A 132 0.31 18.07 -0.67
C ALA A 132 -0.38 16.78 -0.24
N ARG A 133 -1.05 16.80 0.90
CA ARG A 133 -1.58 15.52 1.39
C ARG A 133 -2.72 14.95 0.54
N ASP A 134 -3.28 15.77 -0.38
CA ASP A 134 -4.25 15.27 -1.37
C ASP A 134 -3.63 14.54 -2.58
N ILE A 135 -2.32 14.27 -2.51
CA ILE A 135 -1.61 13.50 -3.54
C ILE A 135 -1.08 12.20 -2.95
N VAL A 136 -1.15 11.13 -3.74
CA VAL A 136 -0.42 9.89 -3.50
C VAL A 136 0.43 9.57 -4.74
N TYR A 137 1.73 9.40 -4.54
CA TYR A 137 2.62 8.95 -5.61
C TYR A 137 2.87 7.43 -5.55
N GLY A 138 2.92 6.83 -6.73
CA GLY A 138 3.34 5.46 -6.89
C GLY A 138 4.07 5.28 -8.21
N THR A 139 4.66 4.11 -8.38
CA THR A 139 5.34 3.73 -9.63
C THR A 139 4.81 2.40 -10.09
N ILE A 140 4.46 2.31 -11.39
CA ILE A 140 4.08 1.04 -12.00
C ILE A 140 5.06 0.76 -13.12
N TYR A 141 4.96 -0.43 -13.72
CA TYR A 141 5.96 -0.89 -14.68
C TYR A 141 5.31 -1.31 -16.00
N LEU A 142 5.80 -0.75 -17.10
CA LEU A 142 5.21 -1.04 -18.41
C LEU A 142 5.60 -2.43 -18.85
N GLY A 143 4.62 -3.20 -19.29
CA GLY A 143 4.89 -4.54 -19.76
C GLY A 143 5.38 -5.51 -18.70
N GLY A 144 5.26 -5.11 -17.43
CA GLY A 144 5.73 -5.95 -16.35
C GLY A 144 7.25 -6.02 -16.24
N LYS A 145 7.96 -5.14 -16.95
CA LYS A 145 9.44 -5.13 -16.97
C LYS A 145 9.97 -4.19 -15.91
N PRO A 146 10.92 -4.67 -15.07
CA PRO A 146 11.37 -3.87 -13.94
C PRO A 146 12.21 -2.65 -14.33
N ASP A 147 12.66 -2.60 -15.58
CA ASP A 147 13.38 -1.46 -16.10
C ASP A 147 12.49 -0.48 -16.86
N GLN A 148 11.16 -0.59 -16.71
CA GLN A 148 10.24 0.31 -17.41
C GLN A 148 9.27 1.01 -16.47
N PRO A 149 9.83 1.79 -15.52
CA PRO A 149 8.96 2.53 -14.59
C PRO A 149 8.17 3.66 -15.25
N ALA A 150 6.97 3.90 -14.72
CA ALA A 150 6.25 5.14 -14.98
C ALA A 150 5.58 5.52 -13.68
N VAL A 151 5.50 6.84 -13.45
CA VAL A 151 4.93 7.37 -12.22
C VAL A 151 3.43 7.53 -12.37
N ILE A 152 2.69 7.03 -11.37
CA ILE A 152 1.26 7.27 -11.26
C ILE A 152 1.06 8.22 -10.08
N LYS A 153 0.61 9.43 -10.41
CA LYS A 153 0.32 10.46 -9.43
C LYS A 153 -1.19 10.56 -9.33
N THR A 154 -1.72 10.33 -8.13
CA THR A 154 -3.15 10.35 -7.88
C THR A 154 -3.46 11.54 -7.00
N THR A 155 -4.42 12.37 -7.43
CA THR A 155 -4.80 13.60 -6.72
C THR A 155 -6.30 13.59 -6.44
N PHE A 156 -6.68 13.97 -5.21
CA PHE A 156 -8.07 13.99 -4.78
C PHE A 156 -8.63 15.39 -4.74
N ASN A 157 -9.82 15.53 -5.30
CA ASN A 157 -10.64 16.73 -5.20
C ASN A 157 -9.95 18.02 -5.68
N GLN A 158 -9.19 17.95 -6.76
CA GLN A 158 -8.56 19.14 -7.33
C GLN A 158 -9.15 19.58 -8.67
N GLU A 159 -10.15 18.87 -9.18
CA GLU A 159 -10.86 19.30 -10.40
C GLU A 159 -12.01 20.24 -10.09
N THR A 160 -12.32 21.11 -11.03
CA THR A 160 -13.48 21.99 -10.93
C THR A 160 -14.67 21.36 -11.66
N GLY A 161 -15.85 21.97 -11.52
CA GLY A 161 -17.06 21.47 -12.15
C GLY A 161 -17.53 20.13 -11.64
N CYS A 162 -17.30 19.88 -10.35
CA CYS A 162 -17.67 18.64 -9.70
C CYS A 162 -17.63 18.87 -8.21
N GLU A 163 -18.17 17.95 -7.43
CA GLU A 163 -18.05 18.03 -5.95
C GLU A 163 -16.87 17.20 -5.41
N TYR A 164 -16.50 16.15 -6.13
CA TYR A 164 -15.35 15.31 -5.79
C TYR A 164 -14.64 14.90 -7.08
N SER A 165 -13.37 14.51 -6.96
CA SER A 165 -12.63 13.99 -8.12
C SER A 165 -11.47 13.11 -7.68
N ILE A 166 -11.13 12.18 -8.57
CA ILE A 166 -9.92 11.42 -8.49
C ILE A 166 -9.25 11.53 -9.83
N THR A 167 -8.00 12.01 -9.85
CA THR A 167 -7.27 12.14 -11.11
CA THR A 167 -7.27 12.11 -11.11
CA THR A 167 -7.24 12.21 -11.08
C THR A 167 -5.96 11.37 -11.05
N PHE A 168 -5.68 10.68 -12.16
CA PHE A 168 -4.49 9.89 -12.33
C PHE A 168 -3.63 10.55 -13.39
N ASN A 169 -2.44 11.01 -13.01
CA ASN A 169 -1.48 11.50 -13.97
C ASN A 169 -0.38 10.46 -14.09
N PHE A 170 -0.17 10.03 -15.33
CA PHE A 170 0.87 9.07 -15.68
C PHE A 170 2.00 9.83 -16.38
N SER A 171 3.23 9.61 -15.92
CA SER A 171 4.39 10.28 -16.52
C SER A 171 5.60 9.39 -16.44
N TRP A 172 6.60 9.71 -17.25
CA TRP A 172 7.86 8.95 -17.25
C TRP A 172 9.00 9.81 -17.66
N SER A 173 10.17 9.44 -17.15
CA SER A 173 11.39 10.18 -17.41
C SER A 173 12.38 9.38 -18.27
N LYS A 174 12.12 8.10 -18.49
CA LYS A 174 12.95 7.30 -19.36
C LYS A 174 12.60 7.62 -20.81
N THR A 175 13.56 7.38 -21.69
CA THR A 175 13.39 7.56 -23.13
C THR A 175 12.98 6.21 -23.74
N TYR A 176 11.68 5.96 -23.80
CA TYR A 176 11.18 4.68 -24.26
C TYR A 176 11.17 4.60 -25.79
N GLU A 177 11.44 3.42 -26.32
CA GLU A 177 11.46 3.24 -27.76
C GLU A 177 10.52 2.13 -28.17
N ASN A 178 9.35 2.54 -28.67
CA ASN A 178 8.31 1.62 -29.11
C ASN A 178 7.85 0.69 -27.99
N VAL A 179 7.53 1.31 -26.86
CA VAL A 179 7.05 0.58 -25.68
C VAL A 179 5.53 0.72 -25.53
N GLU A 180 4.85 -0.43 -25.40
CA GLU A 180 3.40 -0.46 -25.25
C GLU A 180 3.00 -0.04 -23.84
N PHE A 181 2.09 0.91 -23.75
CA PHE A 181 1.70 1.46 -22.45
C PHE A 181 0.59 0.62 -21.80
N GLU A 182 1.00 -0.43 -21.10
CA GLU A 182 0.11 -1.26 -20.33
C GLU A 182 0.88 -1.67 -19.06
N THR A 183 0.21 -1.56 -17.91
CA THR A 183 0.92 -1.45 -16.65
C THR A 183 0.69 -2.60 -15.65
N THR A 184 1.63 -2.70 -14.72
CA THR A 184 1.38 -3.45 -13.50
C THR A 184 0.37 -2.72 -12.62
N SER A 185 -0.02 -3.36 -11.51
CA SER A 185 -1.03 -2.79 -10.62
C SER A 185 -0.42 -2.10 -9.39
N PHE A 186 -1.12 -1.08 -8.91
CA PHE A 186 -0.75 -0.32 -7.70
C PHE A 186 -1.94 -0.20 -6.75
N THR A 187 -1.65 -0.34 -5.46
CA THR A 187 -2.62 -0.18 -4.39
C THR A 187 -2.29 1.06 -3.55
N PHE A 188 -3.35 1.79 -3.21
CA PHE A 188 -3.25 2.92 -2.31
C PHE A 188 -4.54 3.00 -1.49
N SER A 189 -4.63 3.97 -0.60
CA SER A 189 -5.89 4.24 0.09
C SER A 189 -6.10 5.73 0.19
N TYR A 190 -7.31 6.11 0.58
CA TYR A 190 -7.62 7.50 0.89
C TYR A 190 -8.72 7.57 1.94
N ILE A 191 -8.79 8.71 2.60
CA ILE A 191 -9.77 8.97 3.65
C ILE A 191 -11.13 9.21 2.99
N ALA A 192 -12.14 8.49 3.47
CA ALA A 192 -13.50 8.59 2.94
C ALA A 192 -14.28 9.77 3.51
N GLN A 193 -15.17 10.31 2.69
CA GLN A 193 -16.02 11.44 3.07
C GLN A 193 -16.94 11.12 4.26
N GLU A 194 -17.49 9.91 4.28
CA GLU A 194 -18.34 9.47 5.38
C GLU A 194 -18.22 7.96 5.52
N TYR B 10 -12.13 -18.26 16.15
CA TYR B 10 -11.78 -18.55 14.71
C TYR B 10 -12.04 -17.34 13.81
N ASP B 11 -11.02 -16.91 13.06
CA ASP B 11 -11.11 -15.73 12.20
C ASP B 11 -11.20 -16.15 10.72
N THR B 12 -12.43 -16.16 10.19
CA THR B 12 -12.71 -16.55 8.79
C THR B 12 -12.29 -15.52 7.73
N ARG B 13 -11.91 -14.31 8.17
CA ARG B 13 -11.50 -13.24 7.26
C ARG B 13 -9.99 -13.15 7.09
N THR B 14 -9.20 -14.02 7.75
CA THR B 14 -7.73 -13.97 7.62
C THR B 14 -7.13 -15.36 7.41
N LEU B 15 -6.40 -15.50 6.31
CA LEU B 15 -5.55 -16.65 6.05
C LEU B 15 -4.13 -16.20 6.27
N TRP B 16 -3.38 -16.95 7.07
CA TRP B 16 -2.00 -16.56 7.34
C TRP B 16 -1.08 -17.70 7.69
N THR B 17 0.20 -17.35 7.82
CA THR B 17 1.26 -18.27 8.18
C THR B 17 1.51 -18.33 9.69
N THR B 18 0.69 -17.62 10.46
CA THR B 18 1.03 -17.17 11.84
C THR B 18 2.17 -16.15 11.79
N PRO B 19 2.29 -15.32 12.83
CA PRO B 19 3.33 -14.30 12.91
C PRO B 19 4.62 -14.73 13.62
N ASP B 20 4.76 -16.01 13.96
CA ASP B 20 6.00 -16.44 14.63
C ASP B 20 7.17 -16.46 13.64
N THR B 21 8.35 -16.89 14.09
CA THR B 21 9.52 -16.96 13.22
C THR B 21 9.97 -18.39 12.94
N SER B 22 9.07 -19.35 13.12
CA SER B 22 9.39 -20.75 12.87
CA SER B 22 9.38 -20.76 12.88
C SER B 22 9.42 -21.02 11.36
N PRO B 23 10.54 -21.60 10.85
CA PRO B 23 10.62 -21.81 9.39
C PRO B 23 9.47 -22.63 8.83
N ASN B 24 8.91 -22.15 7.72
CA ASN B 24 7.75 -22.77 7.07
C ASN B 24 7.88 -22.87 5.56
N CYS B 25 9.09 -22.62 5.05
CA CYS B 25 9.26 -22.40 3.63
C CYS B 25 10.58 -23.02 3.15
N THR B 26 10.54 -23.56 1.93
CA THR B 26 11.68 -24.22 1.32
C THR B 26 12.03 -23.51 0.00
N ILE B 27 13.11 -22.73 0.00
CA ILE B 27 13.58 -22.03 -1.21
C ILE B 27 14.63 -22.91 -1.92
N ALA B 28 15.72 -23.20 -1.22
CA ALA B 28 16.80 -24.04 -1.76
C ALA B 28 16.95 -25.34 -0.99
N GLN B 29 16.64 -25.35 0.31
CA GLN B 29 16.65 -26.58 1.11
C GLN B 29 15.53 -26.57 2.14
N ASP B 30 15.19 -27.75 2.65
CA ASP B 30 14.04 -27.90 3.54
C ASP B 30 14.03 -26.90 4.68
N LYS B 31 12.93 -26.14 4.78
CA LYS B 31 12.66 -25.22 5.89
C LYS B 31 13.81 -24.23 6.11
N ASP B 32 14.31 -23.67 5.01
CA ASP B 32 15.38 -22.66 5.07
C ASP B 32 14.90 -21.25 5.31
N SER B 33 13.59 -21.05 5.45
CA SER B 33 13.06 -19.71 5.56
C SER B 33 11.71 -19.66 6.24
N LYS B 34 11.39 -18.49 6.79
CA LYS B 34 10.05 -18.13 7.26
C LYS B 34 9.47 -17.05 6.36
N LEU B 35 8.43 -17.44 5.62
CA LEU B 35 7.60 -16.50 4.87
C LEU B 35 6.48 -16.08 5.80
N THR B 36 6.39 -14.79 6.14
CA THR B 36 5.28 -14.31 6.94
C THR B 36 4.34 -13.67 5.95
N LEU B 37 3.16 -14.27 5.79
CA LEU B 37 2.18 -13.79 4.83
C LEU B 37 0.82 -13.76 5.50
N VAL B 38 0.16 -12.61 5.42
CA VAL B 38 -1.17 -12.42 6.00
C VAL B 38 -2.08 -11.89 4.91
N LEU B 39 -3.17 -12.62 4.65
CA LEU B 39 -4.19 -12.24 3.68
C LEU B 39 -5.46 -11.96 4.42
N THR B 40 -5.92 -10.73 4.32
CA THR B 40 -7.10 -10.29 5.02
C THR B 40 -8.15 -9.88 3.99
N LYS B 41 -9.30 -10.54 4.05
CA LYS B 41 -10.37 -10.29 3.12
C LYS B 41 -11.13 -9.03 3.49
N CYS B 42 -10.98 -8.02 2.65
CA CYS B 42 -11.80 -6.83 2.69
CA CYS B 42 -11.87 -6.85 2.70
C CYS B 42 -12.71 -6.90 1.46
N GLY B 43 -13.68 -7.80 1.51
CA GLY B 43 -14.61 -8.01 0.41
C GLY B 43 -13.96 -8.43 -0.89
N SER B 44 -14.19 -7.64 -1.93
CA SER B 44 -13.68 -7.97 -3.26
C SER B 44 -12.18 -7.77 -3.38
N GLN B 45 -11.53 -7.21 -2.36
CA GLN B 45 -10.06 -7.12 -2.37
C GLN B 45 -9.45 -7.85 -1.19
N ILE B 46 -8.32 -8.48 -1.44
CA ILE B 46 -7.49 -9.05 -0.40
C ILE B 46 -6.38 -8.06 -0.11
N LEU B 47 -6.25 -7.70 1.17
CA LEU B 47 -5.15 -6.87 1.66
C LEU B 47 -4.05 -7.81 2.15
N ALA B 48 -2.87 -7.74 1.54
CA ALA B 48 -1.79 -8.67 1.78
C ALA B 48 -0.59 -7.99 2.40
N ASN B 49 0.02 -8.67 3.37
CA ASN B 49 1.21 -8.15 4.07
C ASN B 49 2.23 -9.30 4.07
N VAL B 50 3.45 -9.01 3.61
CA VAL B 50 4.48 -10.05 3.42
C VAL B 50 5.85 -9.58 3.88
N SER B 51 6.62 -10.51 4.44
CA SER B 51 8.04 -10.35 4.68
C SER B 51 8.69 -11.72 4.58
N LEU B 52 10.02 -11.75 4.54
CA LEU B 52 10.76 -12.99 4.44
C LEU B 52 12.00 -12.98 5.31
N ILE B 53 12.22 -14.09 6.01
CA ILE B 53 13.44 -14.31 6.77
C ILE B 53 14.07 -15.60 6.24
N VAL B 54 15.29 -15.52 5.70
CA VAL B 54 16.02 -16.73 5.35
C VAL B 54 16.94 -17.06 6.51
N VAL B 55 16.91 -18.33 6.95
CA VAL B 55 17.69 -18.76 8.12
C VAL B 55 18.90 -19.65 7.81
N ALA B 56 18.91 -20.24 6.62
CA ALA B 56 19.96 -21.21 6.26
C ALA B 56 20.01 -21.42 4.75
N GLY B 57 21.06 -22.10 4.31
CA GLY B 57 21.25 -22.49 2.92
C GLY B 57 21.73 -21.38 2.02
N LYS B 58 21.61 -21.66 0.73
CA LYS B 58 22.14 -20.82 -0.34
C LYS B 58 21.77 -19.34 -0.26
N TYR B 59 20.57 -19.04 0.22
CA TYR B 59 20.06 -17.67 0.19
C TYR B 59 20.12 -16.96 1.54
N HIS B 60 20.76 -17.59 2.53
CA HIS B 60 20.83 -17.00 3.87
C HIS B 60 21.76 -15.80 3.92
N ILE B 61 23.01 -16.01 3.51
CA ILE B 61 24.01 -14.95 3.47
C ILE B 61 24.42 -14.72 2.03
N ILE B 62 24.09 -13.55 1.49
CA ILE B 62 24.42 -13.22 0.09
C ILE B 62 25.84 -12.64 0.02
N ASN B 63 26.66 -13.23 -0.83
CA ASN B 63 27.96 -12.67 -1.15
C ASN B 63 28.20 -12.78 -2.65
N ASN B 64 27.97 -11.66 -3.32
CA ASN B 64 28.09 -11.59 -4.76
C ASN B 64 29.50 -11.35 -5.28
N LYS B 65 30.44 -11.10 -4.38
CA LYS B 65 31.86 -11.19 -4.74
C LYS B 65 32.24 -12.67 -4.92
N THR B 66 31.85 -13.50 -3.97
CA THR B 66 32.13 -14.94 -4.00
C THR B 66 31.27 -15.67 -5.04
N ASN B 67 29.98 -15.32 -5.08
CA ASN B 67 28.98 -15.96 -5.93
C ASN B 67 28.22 -14.91 -6.75
N PRO B 68 28.85 -14.39 -7.82
CA PRO B 68 28.24 -13.31 -8.60
C PRO B 68 26.90 -13.65 -9.27
N LYS B 69 26.61 -14.94 -9.46
CA LYS B 69 25.38 -15.37 -10.16
C LYS B 69 24.13 -15.46 -9.26
N ILE B 70 24.32 -15.47 -7.95
CA ILE B 70 23.20 -15.58 -7.01
C ILE B 70 22.53 -14.22 -6.83
N LYS B 71 21.47 -13.97 -7.62
CA LYS B 71 20.85 -12.66 -7.75
C LYS B 71 19.32 -12.67 -7.62
N SER B 72 18.72 -13.85 -7.47
CA SER B 72 17.28 -13.98 -7.41
C SER B 72 16.80 -15.37 -7.00
N PHE B 73 15.58 -15.43 -6.51
CA PHE B 73 14.88 -16.70 -6.23
C PHE B 73 13.36 -16.49 -6.17
N THR B 74 12.63 -17.60 -6.21
CA THR B 74 11.17 -17.54 -6.29
C THR B 74 10.52 -18.42 -5.23
N ILE B 75 9.47 -17.90 -4.61
CA ILE B 75 8.63 -18.64 -3.68
C ILE B 75 7.23 -18.74 -4.29
N LYS B 76 6.75 -19.98 -4.46
CA LYS B 76 5.47 -20.24 -5.13
C LYS B 76 4.43 -20.79 -4.17
N LEU B 77 3.23 -20.21 -4.24
CA LEU B 77 2.06 -20.72 -3.57
C LEU B 77 1.07 -21.13 -4.66
N LEU B 78 0.76 -22.43 -4.71
CA LEU B 78 -0.12 -23.03 -5.72
C LEU B 78 -1.38 -23.53 -5.02
N PHE B 79 -2.54 -23.27 -5.62
CA PHE B 79 -3.83 -23.58 -4.99
C PHE B 79 -4.73 -24.37 -5.94
N ASN B 80 -5.51 -25.28 -5.37
CA ASN B 80 -6.49 -26.05 -6.14
C ASN B 80 -7.78 -25.25 -6.25
N LYS B 81 -8.80 -25.84 -6.86
CA LYS B 81 -10.07 -25.16 -7.12
C LYS B 81 -10.80 -24.67 -5.87
N ASN B 82 -10.50 -25.27 -4.72
CA ASN B 82 -11.11 -24.87 -3.45
C ASN B 82 -10.26 -23.86 -2.67
N GLY B 83 -9.19 -23.35 -3.30
CA GLY B 83 -8.27 -22.45 -2.61
C GLY B 83 -7.36 -23.13 -1.59
N VAL B 84 -7.22 -24.45 -1.71
CA VAL B 84 -6.33 -25.22 -0.80
C VAL B 84 -4.89 -25.27 -1.36
N LEU B 85 -3.92 -25.05 -0.48
CA LEU B 85 -2.52 -25.01 -0.88
C LEU B 85 -2.04 -26.40 -1.29
N LEU B 86 -1.43 -26.48 -2.47
CA LEU B 86 -0.89 -27.72 -2.99
C LEU B 86 0.48 -28.00 -2.37
N ASP B 87 0.82 -29.27 -2.16
CA ASP B 87 2.09 -29.61 -1.48
C ASP B 87 3.38 -29.37 -2.30
N ASN B 88 3.27 -29.12 -3.61
CA ASN B 88 4.46 -28.69 -4.37
C ASN B 88 4.79 -27.18 -4.23
N SER B 89 3.98 -26.46 -3.46
CA SER B 89 4.30 -25.07 -3.10
C SER B 89 5.58 -25.01 -2.27
N ASN B 90 6.30 -23.89 -2.33
CA ASN B 90 7.48 -23.69 -1.48
C ASN B 90 7.10 -23.54 -0.01
N LEU B 91 5.92 -22.97 0.22
CA LEU B 91 5.35 -22.81 1.57
C LEU B 91 4.71 -24.14 2.02
N GLY B 92 5.00 -24.55 3.24
CA GLY B 92 4.42 -25.78 3.81
C GLY B 92 2.95 -25.62 4.19
N LYS B 93 2.21 -26.71 4.05
CA LYS B 93 0.78 -26.69 4.33
C LYS B 93 0.48 -26.67 5.83
N ALA B 94 1.42 -27.13 6.64
CA ALA B 94 1.16 -27.39 8.05
C ALA B 94 0.71 -26.16 8.82
N TYR B 95 1.28 -25.00 8.53
CA TYR B 95 0.87 -23.77 9.25
C TYR B 95 0.31 -22.65 8.38
N TRP B 96 -0.32 -23.03 7.26
CA TRP B 96 -1.09 -22.10 6.43
C TRP B 96 -2.55 -22.37 6.64
N ASN B 97 -3.26 -21.44 7.29
CA ASN B 97 -4.63 -21.68 7.75
C ASN B 97 -5.28 -20.38 8.21
N PHE B 98 -6.57 -20.44 8.46
CA PHE B 98 -7.30 -19.33 9.08
C PHE B 98 -6.80 -19.05 10.50
N ARG B 99 -6.83 -17.77 10.85
CA ARG B 99 -6.31 -17.27 12.13
C ARG B 99 -7.18 -17.72 13.29
N SER B 100 -6.51 -18.08 14.38
CA SER B 100 -7.13 -18.19 15.68
C SER B 100 -6.14 -17.58 16.67
N GLY B 101 -6.42 -16.36 17.13
CA GLY B 101 -5.48 -15.64 18.01
C GLY B 101 -4.16 -15.39 17.31
N ASN B 102 -3.06 -15.81 17.91
CA ASN B 102 -1.76 -15.75 17.23
C ASN B 102 -1.37 -17.08 16.58
N SER B 103 -2.32 -18.00 16.53
CA SER B 103 -2.10 -19.32 15.99
C SER B 103 -3.11 -19.55 14.86
N ASN B 104 -3.45 -20.81 14.62
CA ASN B 104 -4.39 -21.17 13.58
C ASN B 104 -5.57 -21.97 14.11
N VAL B 105 -6.63 -22.04 13.30
CA VAL B 105 -7.71 -22.97 13.58
C VAL B 105 -7.10 -24.38 13.57
N SER B 106 -7.70 -25.28 14.35
CA SER B 106 -7.07 -26.56 14.68
C SER B 106 -7.16 -27.61 13.57
N THR B 107 -8.13 -27.47 12.66
CA THR B 107 -8.25 -28.39 11.53
C THR B 107 -7.89 -27.62 10.25
N ALA B 108 -7.35 -28.33 9.26
CA ALA B 108 -7.00 -27.73 7.97
C ALA B 108 -8.25 -27.26 7.25
N TYR B 109 -8.20 -26.06 6.67
CA TYR B 109 -9.37 -25.54 5.95
C TYR B 109 -9.66 -26.32 4.65
N GLU B 110 -10.94 -26.35 4.26
CA GLU B 110 -11.36 -27.05 3.04
C GLU B 110 -11.68 -26.11 1.89
N LYS B 111 -12.00 -24.85 2.20
CA LYS B 111 -12.42 -23.87 1.19
C LYS B 111 -11.92 -22.47 1.52
N ALA B 112 -11.26 -21.83 0.55
CA ALA B 112 -10.81 -20.45 0.70
C ALA B 112 -10.87 -19.72 -0.65
N ILE B 113 -11.91 -19.99 -1.42
CA ILE B 113 -12.01 -19.42 -2.77
C ILE B 113 -12.04 -17.88 -2.74
N GLY B 114 -12.65 -17.31 -1.71
CA GLY B 114 -12.73 -15.87 -1.52
C GLY B 114 -11.39 -15.18 -1.29
N PHE B 115 -10.33 -15.97 -1.07
CA PHE B 115 -8.97 -15.42 -0.93
C PHE B 115 -8.13 -15.58 -2.18
N MET B 116 -8.69 -16.18 -3.23
CA MET B 116 -7.93 -16.48 -4.41
C MET B 116 -7.90 -15.28 -5.34
N PRO B 117 -6.79 -15.11 -6.08
CA PRO B 117 -6.74 -14.03 -7.05
C PRO B 117 -7.71 -14.29 -8.21
N ASN B 118 -8.44 -13.25 -8.56
CA ASN B 118 -9.50 -13.32 -9.55
C ASN B 118 -8.98 -13.74 -10.94
N LEU B 119 -9.60 -14.77 -11.53
CA LEU B 119 -9.13 -15.34 -12.80
C LEU B 119 -9.47 -14.50 -14.04
N VAL B 120 -10.45 -13.60 -13.94
CA VAL B 120 -10.73 -12.70 -15.04
C VAL B 120 -9.73 -11.52 -14.99
N ALA B 121 -9.47 -10.99 -13.79
CA ALA B 121 -8.44 -9.94 -13.63
C ALA B 121 -7.06 -10.46 -14.03
N TYR B 122 -6.80 -11.70 -13.62
CA TYR B 122 -5.49 -12.31 -13.68
C TYR B 122 -5.63 -13.72 -14.26
N PRO B 123 -5.79 -13.82 -15.58
CA PRO B 123 -6.03 -15.12 -16.21
C PRO B 123 -4.77 -15.97 -16.31
N LYS B 124 -4.95 -17.29 -16.39
CA LYS B 124 -3.86 -18.22 -16.67
C LYS B 124 -3.28 -17.95 -18.05
N PRO B 125 -2.01 -18.34 -18.28
CA PRO B 125 -1.44 -18.18 -19.62
C PRO B 125 -2.33 -18.79 -20.71
N SER B 126 -2.42 -18.12 -21.85
CA SER B 126 -3.26 -18.61 -22.96
C SER B 126 -2.79 -17.99 -24.26
N ASN B 127 -3.51 -18.25 -25.34
CA ASN B 127 -3.27 -17.57 -26.61
C ASN B 127 -3.67 -16.09 -26.59
N SER B 128 -4.48 -15.68 -25.62
CA SER B 128 -4.87 -14.28 -25.49
C SER B 128 -3.67 -13.43 -25.05
N LYS B 129 -3.68 -12.16 -25.42
CA LYS B 129 -2.59 -11.24 -25.05
C LYS B 129 -2.38 -11.26 -23.53
N LYS B 130 -1.12 -11.39 -23.11
CA LYS B 130 -0.75 -11.40 -21.69
C LYS B 130 -0.56 -9.95 -21.20
N TYR B 131 -1.32 -9.55 -20.19
CA TYR B 131 -1.23 -8.19 -19.66
C TYR B 131 -0.45 -8.15 -18.34
N ALA B 132 0.17 -7.01 -18.06
CA ALA B 132 0.98 -6.83 -16.86
C ALA B 132 0.19 -6.61 -15.56
N ARG B 133 -1.13 -6.44 -15.69
CA ARG B 133 -2.08 -6.26 -14.58
C ARG B 133 -1.88 -7.26 -13.44
N ASP B 134 -1.45 -8.47 -13.80
CA ASP B 134 -1.30 -9.57 -12.84
C ASP B 134 0.01 -9.53 -12.04
N ILE B 135 0.75 -8.42 -12.13
CA ILE B 135 2.00 -8.25 -11.40
C ILE B 135 1.87 -7.03 -10.48
N VAL B 136 2.46 -7.16 -9.28
CA VAL B 136 2.70 -6.03 -8.39
C VAL B 136 4.19 -5.98 -8.07
N TYR B 137 4.81 -4.82 -8.28
CA TYR B 137 6.21 -4.61 -7.88
C TYR B 137 6.29 -3.84 -6.58
N GLY B 138 7.22 -4.25 -5.73
CA GLY B 138 7.56 -3.51 -4.52
C GLY B 138 9.06 -3.63 -4.28
N THR B 139 9.55 -2.86 -3.33
CA THR B 139 10.92 -2.94 -2.87
C THR B 139 10.90 -3.11 -1.36
N ILE B 140 11.66 -4.09 -0.88
CA ILE B 140 11.91 -4.27 0.56
C ILE B 140 13.39 -4.07 0.84
N TYR B 141 13.73 -3.98 2.12
CA TYR B 141 15.10 -3.61 2.51
C TYR B 141 15.69 -4.68 3.41
N LEU B 142 16.85 -5.19 3.00
CA LEU B 142 17.50 -6.24 3.75
C LEU B 142 18.09 -5.70 5.05
N GLY B 143 17.77 -6.37 6.16
CA GLY B 143 18.29 -5.95 7.46
C GLY B 143 17.75 -4.60 7.91
N GLY B 144 16.68 -4.13 7.27
CA GLY B 144 16.13 -2.82 7.56
C GLY B 144 16.99 -1.64 7.17
N LYS B 145 18.00 -1.86 6.34
CA LYS B 145 18.94 -0.80 5.95
C LYS B 145 18.49 -0.16 4.65
N PRO B 146 18.40 1.17 4.60
CA PRO B 146 17.80 1.82 3.42
C PRO B 146 18.67 1.77 2.17
N ASP B 147 19.95 1.39 2.32
CA ASP B 147 20.85 1.17 1.18
C ASP B 147 20.96 -0.32 0.79
N GLN B 148 20.04 -1.15 1.27
CA GLN B 148 20.02 -2.57 0.88
C GLN B 148 18.67 -3.02 0.27
N PRO B 149 18.25 -2.36 -0.83
CA PRO B 149 17.02 -2.75 -1.52
C PRO B 149 17.09 -4.11 -2.21
N ALA B 150 15.95 -4.78 -2.22
CA ALA B 150 15.72 -5.92 -3.07
C ALA B 150 14.29 -5.81 -3.60
N VAL B 151 14.10 -6.21 -4.84
CA VAL B 151 12.79 -6.13 -5.48
C VAL B 151 11.96 -7.37 -5.15
N ILE B 152 10.72 -7.14 -4.73
CA ILE B 152 9.73 -8.21 -4.57
C ILE B 152 8.69 -8.05 -5.69
N LYS B 153 8.66 -9.03 -6.59
CA LYS B 153 7.73 -9.07 -7.72
C LYS B 153 6.72 -10.15 -7.43
N THR B 154 5.46 -9.76 -7.31
CA THR B 154 4.38 -10.68 -6.97
C THR B 154 3.54 -10.87 -8.23
N THR B 155 3.26 -12.12 -8.58
CA THR B 155 2.52 -12.48 -9.81
C THR B 155 1.37 -13.41 -9.48
N PHE B 156 0.20 -13.09 -10.03
CA PHE B 156 -1.04 -13.84 -9.78
C PHE B 156 -1.38 -14.74 -10.97
N ASN B 157 -1.63 -16.01 -10.69
CA ASN B 157 -2.22 -16.96 -11.62
C ASN B 157 -1.43 -17.17 -12.90
N GLN B 158 -0.11 -17.23 -12.79
CA GLN B 158 0.72 -17.52 -13.97
C GLN B 158 1.39 -18.89 -13.95
N GLU B 159 1.21 -19.63 -12.85
CA GLU B 159 1.76 -20.98 -12.78
C GLU B 159 0.83 -22.04 -13.39
N THR B 160 1.43 -23.09 -13.95
CA THR B 160 0.64 -24.23 -14.42
C THR B 160 0.47 -25.24 -13.27
N GLY B 161 -0.31 -26.28 -13.50
CA GLY B 161 -0.54 -27.31 -12.50
C GLY B 161 -1.32 -26.85 -11.28
N CYS B 162 -2.22 -25.89 -11.47
CA CYS B 162 -3.02 -25.36 -10.37
C CYS B 162 -4.22 -24.58 -10.89
N GLU B 163 -5.20 -24.32 -10.03
CA GLU B 163 -6.29 -23.41 -10.39
C GLU B 163 -5.90 -21.95 -10.21
N TYR B 164 -5.15 -21.67 -9.14
CA TYR B 164 -4.71 -20.33 -8.78
C TYR B 164 -3.26 -20.37 -8.30
N SER B 165 -2.56 -19.25 -8.40
CA SER B 165 -1.22 -19.12 -7.84
C SER B 165 -0.88 -17.69 -7.41
N ILE B 166 -0.02 -17.60 -6.40
CA ILE B 166 0.62 -16.36 -6.00
C ILE B 166 2.11 -16.68 -5.93
N THR B 167 2.93 -15.95 -6.68
CA THR B 167 4.36 -16.20 -6.64
CA THR B 167 4.37 -16.21 -6.66
CA THR B 167 4.37 -16.20 -6.75
C THR B 167 5.12 -14.93 -6.31
N PHE B 168 6.14 -15.10 -5.46
CA PHE B 168 6.98 -14.00 -5.03
C PHE B 168 8.37 -14.24 -5.56
N ASN B 169 8.82 -13.35 -6.44
CA ASN B 169 10.18 -13.37 -6.92
C ASN B 169 10.98 -12.25 -6.25
N PHE B 170 12.08 -12.63 -5.61
CA PHE B 170 12.98 -11.69 -4.96
C PHE B 170 14.24 -11.60 -5.79
N SER B 171 14.70 -10.38 -6.07
CA SER B 171 15.90 -10.17 -6.84
C SER B 171 16.59 -8.90 -6.38
N TRP B 172 17.87 -8.79 -6.70
CA TRP B 172 18.65 -7.58 -6.39
C TRP B 172 19.69 -7.33 -7.44
N SER B 173 20.08 -6.07 -7.57
CA SER B 173 21.03 -5.66 -8.62
CA SER B 173 21.02 -5.64 -8.61
C SER B 173 22.37 -5.18 -8.07
N LYS B 174 22.45 -4.96 -6.76
CA LYS B 174 23.68 -4.52 -6.12
C LYS B 174 24.55 -5.74 -5.81
N THR B 175 25.84 -5.50 -5.63
CA THR B 175 26.79 -6.57 -5.32
C THR B 175 26.96 -6.62 -3.81
N TYR B 176 26.11 -7.40 -3.16
CA TYR B 176 26.10 -7.45 -1.69
C TYR B 176 27.21 -8.36 -1.20
N GLU B 177 27.85 -7.98 -0.10
CA GLU B 177 28.95 -8.75 0.46
C GLU B 177 28.57 -9.14 1.90
N ASN B 178 28.16 -10.40 2.08
CA ASN B 178 27.77 -10.93 3.41
C ASN B 178 26.58 -10.19 4.02
N VAL B 179 25.53 -10.08 3.21
CA VAL B 179 24.28 -9.48 3.63
C VAL B 179 23.24 -10.59 3.84
N GLU B 180 22.71 -10.64 5.06
CA GLU B 180 21.72 -11.64 5.42
C GLU B 180 20.38 -11.31 4.76
N PHE B 181 19.74 -12.30 4.14
CA PHE B 181 18.47 -12.07 3.48
C PHE B 181 17.29 -12.21 4.45
N GLU B 182 16.99 -11.08 5.08
CA GLU B 182 15.78 -10.96 5.89
C GLU B 182 15.28 -9.54 5.73
N THR B 183 13.98 -9.41 5.55
CA THR B 183 13.40 -8.20 4.93
C THR B 183 12.49 -7.39 5.82
N THR B 184 12.35 -6.12 5.45
CA THR B 184 11.25 -5.30 5.91
C THR B 184 9.92 -5.83 5.32
N SER B 185 8.81 -5.26 5.76
CA SER B 185 7.49 -5.70 5.30
C SER B 185 6.93 -4.86 4.16
N PHE B 186 6.10 -5.51 3.35
CA PHE B 186 5.44 -4.86 2.23
C PHE B 186 3.97 -5.20 2.23
N THR B 187 3.13 -4.21 1.91
CA THR B 187 1.70 -4.38 1.77
C THR B 187 1.28 -4.14 0.35
N PHE B 188 0.35 -4.95 -0.13
CA PHE B 188 -0.27 -4.80 -1.45
C PHE B 188 -1.71 -5.30 -1.36
N SER B 189 -2.47 -5.22 -2.45
CA SER B 189 -3.78 -5.84 -2.50
C SER B 189 -3.97 -6.48 -3.86
N TYR B 190 -5.01 -7.30 -3.97
CA TYR B 190 -5.38 -7.86 -5.25
C TYR B 190 -6.87 -8.14 -5.27
N ILE B 191 -7.40 -8.26 -6.48
CA ILE B 191 -8.83 -8.49 -6.68
C ILE B 191 -9.16 -9.96 -6.38
N ALA B 192 -10.16 -10.20 -5.53
CA ALA B 192 -10.52 -11.56 -5.14
C ALA B 192 -11.45 -12.22 -6.16
N GLN B 193 -11.33 -13.54 -6.24
CA GLN B 193 -12.14 -14.36 -7.13
C GLN B 193 -13.65 -14.27 -6.85
N GLU B 194 -14.01 -14.23 -5.57
CA GLU B 194 -15.41 -14.05 -5.16
C GLU B 194 -15.47 -13.31 -3.83
N THR C 12 -14.57 -2.69 12.28
CA THR C 12 -14.46 -1.72 11.13
C THR C 12 -14.07 -0.29 11.57
N ARG C 13 -13.79 -0.09 12.85
CA ARG C 13 -13.65 1.25 13.38
C ARG C 13 -12.32 1.92 13.00
N THR C 14 -12.25 3.21 13.26
CA THR C 14 -11.09 4.01 12.90
C THR C 14 -10.62 4.85 14.07
N LEU C 15 -9.31 4.80 14.34
CA LEU C 15 -8.65 5.75 15.22
C LEU C 15 -7.96 6.76 14.33
N TRP C 16 -8.14 8.04 14.66
CA TRP C 16 -7.50 9.07 13.86
C TRP C 16 -7.24 10.38 14.55
N THR C 17 -6.40 11.15 13.88
N THR C 17 -6.64 11.30 13.80
CA THR C 17 -6.37 12.57 13.99
CA THR C 17 -6.30 12.66 14.25
C THR C 17 -7.36 13.09 12.95
C THR C 17 -7.21 13.86 13.84
N THR C 18 -8.44 13.64 13.40
CA THR C 18 -9.18 14.62 12.57
CA THR C 18 -9.18 14.52 12.50
C THR C 18 -8.33 15.10 11.37
N PRO C 19 -8.91 15.15 10.17
CA PRO C 19 -8.05 15.54 9.06
C PRO C 19 -8.04 17.03 8.70
N ASP C 20 -8.10 17.88 9.73
CA ASP C 20 -7.98 19.32 9.54
C ASP C 20 -6.49 19.69 9.48
N THR C 21 -6.17 20.98 9.54
CA THR C 21 -4.76 21.40 9.52
C THR C 21 -4.31 22.01 10.86
N SER C 22 -5.11 21.84 11.91
CA SER C 22 -4.79 22.37 13.24
C SER C 22 -3.61 21.60 13.88
N PRO C 23 -2.52 22.31 14.23
CA PRO C 23 -1.36 21.59 14.76
C PRO C 23 -1.68 20.70 15.96
N ASN C 24 -1.09 19.51 15.99
CA ASN C 24 -1.37 18.51 17.00
C ASN C 24 -0.15 17.76 17.49
N CYS C 25 1.01 18.22 17.10
CA CYS C 25 2.22 17.43 17.23
C CYS C 25 3.41 18.33 17.51
N THR C 26 4.36 17.80 18.28
CA THR C 26 5.51 18.56 18.73
C THR C 26 6.75 17.77 18.34
N ILE C 27 7.49 18.26 17.35
CA ILE C 27 8.74 17.65 16.93
C ILE C 27 9.91 18.30 17.66
N ALA C 28 10.09 19.59 17.38
CA ALA C 28 11.18 20.41 17.95
C ALA C 28 10.69 21.47 18.94
N GLN C 29 9.47 21.96 18.72
CA GLN C 29 8.85 22.90 19.63
C GLN C 29 7.34 22.67 19.65
N ASP C 30 6.70 23.18 20.69
CA ASP C 30 5.29 22.90 20.94
C ASP C 30 4.43 23.18 19.72
N LYS C 31 3.67 22.18 19.31
CA LYS C 31 2.66 22.28 18.26
C LYS C 31 3.26 22.81 16.94
N ASP C 32 4.42 22.29 16.59
CA ASP C 32 5.06 22.73 15.36
C ASP C 32 4.58 21.98 14.13
N SER C 33 3.65 21.04 14.30
CA SER C 33 3.29 20.15 13.20
C SER C 33 1.87 19.59 13.33
N LYS C 34 1.32 19.20 12.18
CA LYS C 34 0.05 18.46 12.07
C LYS C 34 0.38 17.11 11.48
N LEU C 35 0.33 16.08 12.32
CA LEU C 35 0.37 14.71 11.83
C LEU C 35 -1.07 14.29 11.49
N THR C 36 -1.29 13.85 10.25
CA THR C 36 -2.60 13.29 9.90
C THR C 36 -2.39 11.78 9.80
N LEU C 37 -2.98 11.04 10.73
CA LEU C 37 -2.84 9.59 10.79
C LEU C 37 -4.22 8.98 10.98
N VAL C 38 -4.53 8.02 10.12
CA VAL C 38 -5.79 7.31 10.12
C VAL C 38 -5.46 5.81 10.16
N LEU C 39 -5.95 5.16 11.21
CA LEU C 39 -5.82 3.71 11.40
C LEU C 39 -7.18 3.08 11.36
N THR C 40 -7.39 2.22 10.36
CA THR C 40 -8.66 1.57 10.15
C THR C 40 -8.49 0.05 10.32
N LYS C 41 -9.29 -0.51 11.22
CA LYS C 41 -9.18 -1.93 11.50
C LYS C 41 -9.93 -2.75 10.46
N CYS C 42 -9.16 -3.52 9.72
CA CYS C 42 -9.68 -4.52 8.81
CA CYS C 42 -9.71 -4.54 8.83
C CYS C 42 -9.29 -5.90 9.36
N GLY C 43 -9.96 -6.32 10.41
CA GLY C 43 -9.67 -7.57 11.06
C GLY C 43 -8.23 -7.69 11.56
N SER C 44 -7.52 -8.70 11.06
CA SER C 44 -6.16 -9.00 11.50
CA SER C 44 -6.16 -9.02 11.48
C SER C 44 -5.12 -7.99 11.04
N GLN C 45 -5.51 -7.04 10.19
CA GLN C 45 -4.59 -5.99 9.72
C GLN C 45 -5.19 -4.62 9.96
N ILE C 46 -4.33 -3.69 10.34
CA ILE C 46 -4.65 -2.28 10.42
C ILE C 46 -4.17 -1.63 9.12
N LEU C 47 -5.08 -0.95 8.42
CA LEU C 47 -4.77 -0.17 7.23
C LEU C 47 -4.49 1.26 7.68
N ALA C 48 -3.30 1.75 7.36
CA ALA C 48 -2.80 3.01 7.88
C ALA C 48 -2.53 3.99 6.75
N ASN C 49 -2.87 5.26 7.00
CA ASN C 49 -2.69 6.36 6.04
C ASN C 49 -2.11 7.53 6.82
N VAL C 50 -1.00 8.07 6.32
CA VAL C 50 -0.23 9.10 7.02
C VAL C 50 0.27 10.21 6.10
N SER C 51 0.26 11.43 6.62
CA SER C 51 0.95 12.58 6.03
C SER C 51 1.35 13.53 7.15
N LEU C 52 2.20 14.50 6.82
CA LEU C 52 2.71 15.43 7.80
C LEU C 52 2.81 16.83 7.22
N ILE C 53 2.36 17.79 8.02
CA ILE C 53 2.56 19.23 7.74
C ILE C 53 3.36 19.82 8.88
N VAL C 54 4.54 20.39 8.60
CA VAL C 54 5.28 21.11 9.64
C VAL C 54 4.96 22.59 9.45
N VAL C 55 4.47 23.24 10.52
CA VAL C 55 3.94 24.61 10.41
C VAL C 55 4.86 25.72 10.93
N ALA C 56 5.84 25.34 11.75
CA ALA C 56 6.72 26.32 12.37
C ALA C 56 7.97 25.61 12.88
N GLY C 57 8.95 26.41 13.27
CA GLY C 57 10.13 25.88 13.94
C GLY C 57 11.15 25.29 13.00
N LYS C 58 12.09 24.57 13.60
CA LYS C 58 13.29 24.04 12.96
C LYS C 58 13.05 23.27 11.66
N TYR C 59 11.96 22.51 11.60
CA TYR C 59 11.70 21.64 10.46
C TYR C 59 10.66 22.21 9.49
N HIS C 60 10.26 23.47 9.68
CA HIS C 60 9.24 24.06 8.79
C HIS C 60 9.79 24.32 7.41
N ILE C 61 10.91 25.04 7.32
CA ILE C 61 11.60 25.29 6.05
C ILE C 61 13.00 24.71 6.12
N ILE C 62 13.26 23.70 5.28
CA ILE C 62 14.56 23.02 5.24
C ILE C 62 15.50 23.83 4.37
N ASN C 63 16.63 24.21 4.93
CA ASN C 63 17.71 24.78 4.14
C ASN C 63 19.03 24.14 4.55
N ASN C 64 19.46 23.19 3.74
CA ASN C 64 20.66 22.42 4.03
C ASN C 64 21.95 23.09 3.57
N LYS C 65 21.86 24.25 2.93
CA LYS C 65 23.03 25.11 2.75
C LYS C 65 23.33 25.77 4.08
N THR C 66 22.31 26.34 4.70
CA THR C 66 22.44 26.99 6.01
C THR C 66 22.72 25.97 7.11
N ASN C 67 21.99 24.85 7.08
CA ASN C 67 22.03 23.84 8.14
C ASN C 67 22.30 22.45 7.54
N PRO C 68 23.58 22.15 7.23
CA PRO C 68 23.89 20.91 6.50
C PRO C 68 23.50 19.60 7.18
N LYS C 69 23.41 19.60 8.50
CA LYS C 69 23.12 18.38 9.25
C LYS C 69 21.65 18.19 9.58
N ILE C 70 20.79 19.12 9.18
CA ILE C 70 19.35 18.94 9.46
C ILE C 70 18.80 18.02 8.36
N LYS C 71 18.79 16.72 8.63
CA LYS C 71 18.49 15.70 7.61
C LYS C 71 17.45 14.65 8.01
N SER C 72 16.94 14.72 9.24
CA SER C 72 16.02 13.73 9.75
C SER C 72 15.38 14.15 11.06
N PHE C 73 14.24 13.54 11.35
CA PHE C 73 13.58 13.70 12.64
C PHE C 73 12.60 12.56 12.84
N THR C 74 12.12 12.43 14.07
CA THR C 74 11.26 11.29 14.41
C THR C 74 10.02 11.75 15.18
N ILE C 75 8.89 11.15 14.84
CA ILE C 75 7.63 11.31 15.55
C ILE C 75 7.25 9.95 16.15
N LYS C 76 7.02 9.91 17.47
CA LYS C 76 6.76 8.66 18.16
C LYS C 76 5.37 8.67 18.77
N LEU C 77 4.66 7.57 18.57
CA LEU C 77 3.40 7.26 19.24
CA LEU C 77 3.40 7.28 19.25
C LEU C 77 3.67 6.08 20.18
N LEU C 78 3.51 6.32 21.48
CA LEU C 78 3.75 5.33 22.53
C LEU C 78 2.42 4.98 23.15
N PHE C 79 2.17 3.67 23.35
CA PHE C 79 0.89 3.21 23.87
C PHE C 79 1.05 2.27 25.07
N ASN C 80 0.11 2.35 26.00
CA ASN C 80 0.12 1.43 27.12
C ASN C 80 -0.59 0.11 26.79
N LYS C 81 -0.76 -0.74 27.80
CA LYS C 81 -1.30 -2.08 27.59
C LYS C 81 -2.72 -2.06 27.05
N ASN C 82 -3.43 -0.96 27.24
CA ASN C 82 -4.80 -0.84 26.70
C ASN C 82 -4.88 -0.12 25.36
N GLY C 83 -3.73 0.16 24.75
CA GLY C 83 -3.67 0.89 23.50
C GLY C 83 -3.94 2.38 23.58
N VAL C 84 -3.84 2.92 24.80
CA VAL C 84 -4.00 4.35 25.07
C VAL C 84 -2.68 5.09 24.85
N LEU C 85 -2.76 6.25 24.19
CA LEU C 85 -1.59 7.07 23.89
C LEU C 85 -0.99 7.66 25.15
N LEU C 86 0.33 7.56 25.27
CA LEU C 86 1.06 8.06 26.44
C LEU C 86 1.59 9.46 26.14
N ASP C 87 1.70 10.30 27.18
CA ASP C 87 1.99 11.73 26.99
C ASP C 87 3.42 12.07 26.51
N ASN C 88 4.35 11.14 26.60
CA ASN C 88 5.69 11.36 26.00
C ASN C 88 5.68 11.25 24.47
N SER C 89 4.56 10.81 23.92
CA SER C 89 4.39 10.80 22.45
C SER C 89 4.49 12.23 21.88
N ASN C 90 4.96 12.31 20.63
CA ASN C 90 5.05 13.61 19.95
C ASN C 90 3.64 14.14 19.62
N LEU C 91 2.73 13.23 19.30
CA LEU C 91 1.33 13.54 19.04
C LEU C 91 0.63 13.82 20.35
N GLY C 92 -0.09 14.94 20.42
CA GLY C 92 -0.83 15.31 21.64
C GLY C 92 -2.04 14.41 21.88
N LYS C 93 -2.30 14.12 23.15
CA LYS C 93 -3.37 13.18 23.52
C LYS C 93 -4.78 13.67 23.13
N ALA C 94 -4.98 14.98 23.17
CA ALA C 94 -6.31 15.55 22.94
C ALA C 94 -6.79 15.34 21.51
N TYR C 95 -5.86 14.98 20.64
CA TYR C 95 -6.06 14.94 19.19
C TYR C 95 -6.25 13.53 18.62
N TRP C 96 -6.29 12.51 19.47
CA TRP C 96 -6.24 11.12 19.04
C TRP C 96 -7.37 10.35 19.64
N ASN C 97 -8.29 9.86 18.82
CA ASN C 97 -9.50 9.22 19.32
C ASN C 97 -10.19 8.47 18.17
N PHE C 98 -11.21 7.70 18.51
CA PHE C 98 -12.08 7.10 17.50
C PHE C 98 -12.84 8.18 16.71
N ARG C 99 -13.00 7.95 15.42
CA ARG C 99 -13.75 8.86 14.55
C ARG C 99 -15.23 8.89 14.90
N SER C 100 -15.81 10.10 14.86
CA SER C 100 -17.24 10.34 14.86
C SER C 100 -17.49 11.50 13.90
N GLY C 101 -17.97 11.20 12.69
CA GLY C 101 -18.14 12.24 11.65
C GLY C 101 -16.79 12.70 11.13
N ASN C 102 -16.62 14.01 10.93
CA ASN C 102 -15.30 14.56 10.62
C ASN C 102 -14.55 14.94 11.88
N SER C 103 -15.04 14.53 13.06
CA SER C 103 -14.43 14.86 14.34
CA SER C 103 -14.37 14.87 14.31
C SER C 103 -14.11 13.61 15.16
N ASN C 104 -13.92 13.80 16.48
CA ASN C 104 -13.62 12.71 17.40
C ASN C 104 -14.72 12.59 18.43
N VAL C 105 -14.85 11.40 19.03
CA VAL C 105 -15.74 11.22 20.18
C VAL C 105 -15.27 12.21 21.24
N SER C 106 -16.19 12.78 22.01
CA SER C 106 -15.80 13.85 22.94
C SER C 106 -15.23 13.29 24.25
N THR C 107 -15.38 11.98 24.45
CA THR C 107 -14.81 11.24 25.58
C THR C 107 -13.58 10.42 25.10
N ALA C 108 -12.51 10.47 25.88
CA ALA C 108 -11.30 9.72 25.59
C ALA C 108 -11.57 8.21 25.63
N TYR C 109 -11.07 7.47 24.66
CA TYR C 109 -11.27 6.03 24.62
C TYR C 109 -10.49 5.33 25.71
N GLU C 110 -11.02 4.20 26.15
CA GLU C 110 -10.42 3.41 27.21
C GLU C 110 -9.58 2.26 26.67
N LYS C 111 -9.97 1.71 25.52
CA LYS C 111 -9.36 0.48 25.00
C LYS C 111 -9.25 0.53 23.48
N ALA C 112 -8.10 0.16 22.96
CA ALA C 112 -7.88 0.03 21.53
C ALA C 112 -6.80 -1.02 21.23
N ILE C 113 -6.84 -2.15 21.94
CA ILE C 113 -5.81 -3.17 21.80
C ILE C 113 -5.83 -3.77 20.38
N GLY C 114 -7.02 -3.82 19.79
CA GLY C 114 -7.19 -4.31 18.42
C GLY C 114 -6.49 -3.48 17.36
N PHE C 115 -6.06 -2.27 17.72
CA PHE C 115 -5.32 -1.37 16.83
C PHE C 115 -3.80 -1.40 17.03
N MET C 116 -3.33 -2.17 18.02
CA MET C 116 -1.92 -2.17 18.35
C MET C 116 -1.14 -3.12 17.47
N PRO C 117 0.14 -2.78 17.20
CA PRO C 117 0.94 -3.68 16.40
C PRO C 117 1.24 -4.97 17.17
N ASN C 118 1.04 -6.11 16.51
CA ASN C 118 1.16 -7.44 17.10
C ASN C 118 2.56 -7.68 17.69
N LEU C 119 2.60 -8.13 18.94
CA LEU C 119 3.89 -8.29 19.65
C LEU C 119 4.67 -9.53 19.26
N VAL C 120 3.98 -10.56 18.78
CA VAL C 120 4.68 -11.72 18.22
C VAL C 120 5.30 -11.35 16.87
N ALA C 121 4.56 -10.64 16.02
CA ALA C 121 5.12 -10.17 14.74
C ALA C 121 6.27 -9.21 14.98
N TYR C 122 6.09 -8.33 15.96
CA TYR C 122 6.95 -7.17 16.17
C TYR C 122 7.31 -7.08 17.66
N PRO C 123 8.26 -7.91 18.10
CA PRO C 123 8.58 -7.96 19.54
C PRO C 123 9.37 -6.73 20.00
N LYS C 124 9.25 -6.42 21.28
CA LYS C 124 10.09 -5.41 21.91
C LYS C 124 11.56 -5.84 21.85
N PRO C 125 12.48 -4.86 21.92
CA PRO C 125 13.91 -5.18 21.94
C PRO C 125 14.26 -6.14 23.07
N SER C 126 15.18 -7.05 22.79
CA SER C 126 15.63 -8.03 23.75
C SER C 126 17.05 -8.46 23.36
N ASN C 127 17.53 -9.51 24.01
CA ASN C 127 18.80 -10.14 23.65
C ASN C 127 18.68 -11.10 22.48
N SER C 128 17.45 -11.36 22.03
CA SER C 128 17.20 -12.24 20.89
CA SER C 128 17.22 -12.24 20.89
C SER C 128 17.46 -11.53 19.57
N LYS C 129 17.79 -12.29 18.52
CA LYS C 129 17.98 -11.71 17.19
C LYS C 129 16.82 -10.79 16.77
N LYS C 130 17.16 -9.58 16.31
CA LYS C 130 16.20 -8.59 15.85
C LYS C 130 15.99 -8.73 14.35
N TYR C 131 14.73 -8.89 13.95
CA TYR C 131 14.37 -8.97 12.52
C TYR C 131 13.81 -7.65 11.99
N ALA C 132 13.96 -7.46 10.68
CA ALA C 132 13.57 -6.22 9.99
C ALA C 132 12.08 -6.18 9.68
N ARG C 133 11.36 -7.26 9.99
CA ARG C 133 9.92 -7.38 9.74
C ARG C 133 9.09 -6.24 10.34
N ASP C 134 9.59 -5.68 11.44
CA ASP C 134 8.90 -4.62 12.18
C ASP C 134 9.11 -3.22 11.59
N ILE C 135 9.69 -3.14 10.40
CA ILE C 135 9.87 -1.89 9.68
C ILE C 135 9.12 -1.93 8.35
N VAL C 136 8.53 -0.80 7.97
N VAL C 136 8.52 -0.78 8.00
CA VAL C 136 8.06 -0.62 6.60
CA VAL C 136 7.99 -0.51 6.65
C VAL C 136 8.58 0.71 6.08
C VAL C 136 8.69 0.74 6.14
N TYR C 137 9.24 0.66 4.92
CA TYR C 137 9.77 1.85 4.23
C TYR C 137 8.79 2.38 3.19
N GLY C 138 8.75 3.69 3.08
CA GLY C 138 8.04 4.37 1.98
C GLY C 138 8.75 5.66 1.67
N THR C 139 8.31 6.31 0.61
CA THR C 139 8.80 7.63 0.23
C THR C 139 7.59 8.54 0.02
N ILE C 140 7.66 9.74 0.62
CA ILE C 140 6.70 10.80 0.34
C ILE C 140 7.42 11.99 -0.30
N TYR C 141 6.65 12.96 -0.78
CA TYR C 141 7.20 14.02 -1.60
C TYR C 141 6.81 15.38 -1.02
N LEU C 142 7.82 16.20 -0.78
CA LEU C 142 7.61 17.51 -0.18
C LEU C 142 6.97 18.47 -1.16
N GLY C 143 5.89 19.10 -0.74
CA GLY C 143 5.17 20.05 -1.59
C GLY C 143 4.54 19.40 -2.82
N GLY C 144 4.40 18.08 -2.79
CA GLY C 144 3.86 17.33 -3.91
C GLY C 144 4.75 17.29 -5.14
N LYS C 145 6.02 17.71 -5.02
CA LYS C 145 6.94 17.77 -6.17
C LYS C 145 7.71 16.45 -6.29
N PRO C 146 7.73 15.86 -7.49
CA PRO C 146 8.29 14.52 -7.63
C PRO C 146 9.80 14.48 -7.49
N ASP C 147 10.46 15.65 -7.54
CA ASP C 147 11.90 15.72 -7.29
C ASP C 147 12.25 16.12 -5.86
N GLN C 148 11.29 16.01 -4.92
CA GLN C 148 11.56 16.30 -3.50
C GLN C 148 11.17 15.11 -2.61
N PRO C 149 11.82 13.96 -2.84
CA PRO C 149 11.57 12.80 -1.96
C PRO C 149 12.07 12.97 -0.53
N ALA C 150 11.35 12.36 0.40
CA ALA C 150 11.84 12.14 1.74
C ALA C 150 11.36 10.76 2.15
N VAL C 151 12.26 10.02 2.80
CA VAL C 151 11.95 8.65 3.23
C VAL C 151 11.16 8.67 4.54
N ILE C 152 10.08 7.92 4.59
CA ILE C 152 9.32 7.70 5.81
C ILE C 152 9.55 6.24 6.22
N LYS C 153 10.26 6.06 7.33
CA LYS C 153 10.54 4.75 7.89
C LYS C 153 9.64 4.57 9.09
N THR C 154 8.81 3.53 9.07
CA THR C 154 7.86 3.29 10.14
C THR C 154 8.29 2.03 10.88
N THR C 155 8.42 2.11 12.20
CA THR C 155 8.86 0.99 13.01
C THR C 155 7.85 0.68 14.12
N PHE C 156 7.59 -0.60 14.31
CA PHE C 156 6.63 -1.10 15.32
C PHE C 156 7.33 -1.67 16.55
N ASN C 157 6.88 -1.19 17.71
CA ASN C 157 7.21 -1.79 19.01
C ASN C 157 8.67 -1.81 19.34
N GLN C 158 9.39 -0.78 18.92
CA GLN C 158 10.81 -0.71 19.26
C GLN C 158 11.17 0.31 20.35
N GLU C 159 10.20 1.07 20.86
CA GLU C 159 10.46 2.09 21.89
C GLU C 159 10.34 1.51 23.28
N THR C 160 11.08 2.09 24.22
CA THR C 160 10.95 1.73 25.62
C THR C 160 9.87 2.62 26.26
N GLY C 161 9.51 2.34 27.51
CA GLY C 161 8.56 3.18 28.24
C GLY C 161 7.11 3.00 27.80
N CYS C 162 6.82 1.86 27.16
CA CYS C 162 5.49 1.61 26.63
C CYS C 162 5.32 0.13 26.40
N GLU C 163 4.08 -0.30 26.15
CA GLU C 163 3.80 -1.66 25.73
C GLU C 163 3.85 -1.83 24.21
N TYR C 164 3.43 -0.79 23.48
CA TYR C 164 3.41 -0.79 22.02
C TYR C 164 3.87 0.58 21.54
N SER C 165 4.37 0.64 20.32
CA SER C 165 4.76 1.89 19.71
C SER C 165 4.68 1.86 18.19
N ILE C 166 4.41 3.04 17.62
CA ILE C 166 4.56 3.29 16.19
C ILE C 166 5.42 4.52 16.05
N THR C 167 6.55 4.39 15.36
CA THR C 167 7.39 5.56 15.13
CA THR C 167 7.52 5.48 15.16
C THR C 167 7.63 5.81 13.66
N PHE C 168 7.61 7.09 13.34
CA PHE C 168 7.82 7.57 11.97
C PHE C 168 9.10 8.38 11.94
N ASN C 169 10.10 7.89 11.23
CA ASN C 169 11.34 8.60 11.02
C ASN C 169 11.31 9.14 9.60
N PHE C 170 11.46 10.46 9.49
CA PHE C 170 11.53 11.16 8.24
C PHE C 170 12.98 11.52 7.98
N SER C 171 13.48 11.24 6.78
CA SER C 171 14.86 11.60 6.47
C SER C 171 14.98 11.90 4.98
N TRP C 172 16.05 12.59 4.62
CA TRP C 172 16.29 12.89 3.21
C TRP C 172 17.76 12.97 2.94
N SER C 173 18.10 12.69 1.69
CA SER C 173 19.49 12.64 1.26
C SER C 173 19.87 13.77 0.32
N LYS C 174 18.88 14.50 -0.18
CA LYS C 174 19.16 15.62 -1.06
C LYS C 174 19.44 16.87 -0.23
N THR C 175 20.11 17.83 -0.85
CA THR C 175 20.42 19.10 -0.22
C THR C 175 19.31 20.09 -0.59
N TYR C 176 18.30 20.17 0.25
CA TYR C 176 17.15 21.06 -0.01
C TYR C 176 17.45 22.48 0.41
N GLU C 177 17.07 23.43 -0.44
CA GLU C 177 17.25 24.86 -0.17
C GLU C 177 15.89 25.56 -0.16
N ASN C 178 15.43 25.86 1.05
CA ASN C 178 14.16 26.55 1.28
C ASN C 178 12.96 25.75 0.79
N VAL C 179 12.87 24.54 1.29
CA VAL C 179 11.77 23.63 0.97
C VAL C 179 10.90 23.42 2.21
N GLU C 180 9.63 23.76 2.08
CA GLU C 180 8.66 23.56 3.17
C GLU C 180 8.37 22.08 3.40
N PHE C 181 8.42 21.66 4.67
CA PHE C 181 8.20 20.26 4.99
C PHE C 181 6.72 19.96 5.19
N GLU C 182 6.04 19.67 4.09
CA GLU C 182 4.65 19.25 4.15
C GLU C 182 4.51 18.26 3.00
N THR C 183 3.88 17.12 3.29
CA THR C 183 4.08 15.91 2.49
C THR C 183 2.84 15.39 1.76
N THR C 184 3.11 14.60 0.73
CA THR C 184 2.09 13.71 0.16
C THR C 184 1.74 12.60 1.18
N SER C 185 0.73 11.80 0.86
CA SER C 185 0.25 10.74 1.75
C SER C 185 0.80 9.37 1.40
N PHE C 186 0.92 8.52 2.41
CA PHE C 186 1.44 7.16 2.26
C PHE C 186 0.53 6.20 3.01
N THR C 187 0.24 5.06 2.39
CA THR C 187 -0.51 3.98 2.99
C THR C 187 0.37 2.76 3.23
N PHE C 188 0.13 2.09 4.35
CA PHE C 188 0.79 0.84 4.70
C PHE C 188 -0.18 0.03 5.56
N SER C 189 0.23 -1.16 5.95
CA SER C 189 -0.56 -1.94 6.91
C SER C 189 0.37 -2.63 7.87
N TYR C 190 -0.21 -3.13 8.95
CA TYR C 190 0.53 -3.94 9.90
C TYR C 190 -0.40 -4.93 10.55
N ILE C 191 0.21 -5.99 11.08
CA ILE C 191 -0.53 -7.06 11.73
C ILE C 191 -1.00 -6.58 13.12
N ALA C 192 -2.29 -6.79 13.42
CA ALA C 192 -2.90 -6.34 14.65
C ALA C 192 -2.68 -7.31 15.81
N GLN C 193 -2.58 -6.75 17.00
CA GLN C 193 -2.37 -7.54 18.23
C GLN C 193 -3.50 -8.54 18.51
N GLU C 194 -4.74 -8.10 18.30
CA GLU C 194 -5.88 -9.01 18.38
C GLU C 194 -6.97 -8.57 17.45
#